data_4GV5
#
_entry.id   4GV5
#
_cell.length_a   66.922
_cell.length_b   74.330
_cell.length_c   80.199
_cell.angle_alpha   90.00
_cell.angle_beta   90.00
_cell.angle_gamma   90.00
#
_symmetry.space_group_name_H-M   'I 21 21 21'
#
loop_
_entity.id
_entity.type
_entity.pdbx_description
1 polymer 'Crotamine Ile-19'
2 non-polymer 'THIOCYANATE ION'
3 non-polymer GLYCEROL
4 non-polymer 'SULFATE ION'
5 water water
#
_entity_poly.entity_id   1
_entity_poly.type   'polypeptide(L)'
_entity_poly.pdbx_seq_one_letter_code
;YKQCHKKGGHCFPKEKICLPPSSDFGKMDCRWRWKCCKKGSG
;
_entity_poly.pdbx_strand_id   A,B,C
#
# COMPACT_ATOMS: atom_id res chain seq x y z
N TYR A 1 2.64 -15.56 4.63
CA TYR A 1 4.10 -15.50 4.84
C TYR A 1 4.37 -15.60 6.33
N LYS A 2 5.38 -16.40 6.71
CA LYS A 2 5.62 -16.78 8.14
C LYS A 2 5.63 -15.58 9.10
N GLN A 3 6.52 -14.60 8.90
CA GLN A 3 6.76 -13.53 9.91
C GLN A 3 5.57 -12.59 10.04
N CYS A 4 4.94 -12.30 8.88
CA CYS A 4 3.75 -11.41 8.85
C CYS A 4 2.64 -12.18 9.61
N HIS A 5 2.44 -13.45 9.26
CA HIS A 5 1.42 -14.25 9.90
C HIS A 5 1.68 -14.35 11.40
N LYS A 6 2.95 -14.56 11.77
CA LYS A 6 3.29 -14.61 13.16
C LYS A 6 2.92 -13.43 13.99
N LYS A 7 3.00 -12.22 13.41
CA LYS A 7 2.54 -10.97 14.00
C LYS A 7 1.03 -10.85 14.04
N GLY A 8 0.30 -11.82 13.46
CA GLY A 8 -1.16 -11.73 13.42
C GLY A 8 -1.62 -10.84 12.24
N GLY A 9 -0.73 -10.64 11.28
CA GLY A 9 -1.04 -9.73 10.12
C GLY A 9 -1.34 -10.49 8.83
N HIS A 10 -1.60 -9.70 7.77
CA HIS A 10 -1.72 -10.19 6.46
C HIS A 10 -1.07 -9.21 5.51
N CYS A 11 -0.71 -9.64 4.31
CA CYS A 11 -0.08 -8.75 3.35
C CYS A 11 -1.02 -8.00 2.52
N PHE A 12 -0.69 -6.72 2.36
CA PHE A 12 -1.58 -5.77 1.55
C PHE A 12 -0.66 -4.93 0.71
N PRO A 13 -1.20 -4.34 -0.37
CA PRO A 13 -0.33 -3.44 -1.21
C PRO A 13 0.31 -2.34 -0.34
N LYS A 14 1.53 -1.90 -0.68
CA LYS A 14 2.30 -0.92 0.03
C LYS A 14 1.49 0.36 0.49
N GLU A 15 0.58 0.91 -0.35
CA GLU A 15 -0.13 2.14 -0.08
C GLU A 15 -1.50 1.92 0.60
N LYS A 16 -1.86 0.63 0.89
CA LYS A 16 -3.17 0.38 1.49
C LYS A 16 -3.17 1.11 2.83
N ILE A 17 -4.26 1.85 3.15
CA ILE A 17 -4.36 2.49 4.50
C ILE A 17 -4.66 1.42 5.53
N CYS A 18 -3.80 1.38 6.56
CA CYS A 18 -4.02 0.41 7.71
C CYS A 18 -4.16 1.23 8.97
N LEU A 19 -5.36 1.27 9.55
CA LEU A 19 -5.56 2.11 10.72
C LEU A 19 -5.99 1.12 11.87
N PRO A 20 -5.56 1.37 13.10
CA PRO A 20 -4.67 2.44 13.48
C PRO A 20 -3.27 2.16 12.88
N PRO A 21 -2.41 3.21 12.74
CA PRO A 21 -1.11 2.98 12.08
C PRO A 21 -0.21 2.01 12.90
N SER A 22 -0.49 1.80 14.22
CA SER A 22 0.36 0.83 14.87
C SER A 22 0.08 -0.58 14.44
N SER A 23 -1.04 -0.80 13.72
CA SER A 23 -1.38 -2.16 13.16
C SER A 23 -0.63 -2.41 11.85
N ASP A 24 0.12 -1.41 11.38
CA ASP A 24 0.92 -1.58 10.09
C ASP A 24 2.33 -1.93 10.59
N PHE A 25 2.80 -3.13 10.23
CA PHE A 25 4.13 -3.70 10.76
C PHE A 25 5.16 -3.52 9.72
N GLY A 26 4.88 -2.69 8.74
CA GLY A 26 5.84 -2.49 7.60
C GLY A 26 6.02 -3.74 6.70
N LYS A 27 7.09 -3.79 5.90
CA LYS A 27 7.19 -4.85 4.91
C LYS A 27 7.18 -6.30 5.52
N MET A 28 7.78 -6.50 6.69
CA MET A 28 7.96 -7.87 7.23
C MET A 28 8.50 -8.74 6.11
N ASP A 29 7.93 -9.92 5.88
CA ASP A 29 8.36 -10.77 4.81
C ASP A 29 7.29 -10.87 3.72
N CYS A 30 6.46 -9.83 3.63
CA CYS A 30 5.57 -9.74 2.44
C CYS A 30 6.40 -9.48 1.19
N ARG A 31 5.79 -9.66 0.04
CA ARG A 31 6.50 -9.38 -1.22
C ARG A 31 6.85 -7.91 -1.40
N TRP A 32 7.74 -7.63 -2.33
CA TRP A 32 8.08 -6.30 -2.70
C TRP A 32 6.82 -5.57 -3.06
N ARG A 33 6.66 -4.36 -2.54
CA ARG A 33 5.48 -3.55 -2.80
C ARG A 33 4.25 -3.97 -2.02
N TRP A 34 4.47 -4.81 -1.02
CA TRP A 34 3.43 -5.17 -0.09
C TRP A 34 3.89 -4.88 1.31
N LYS A 35 2.96 -4.88 2.24
CA LYS A 35 3.28 -4.65 3.65
C LYS A 35 2.29 -5.42 4.51
N CYS A 36 2.71 -5.65 5.74
CA CYS A 36 1.97 -6.53 6.72
C CYS A 36 1.14 -5.61 7.62
N CYS A 37 -0.21 -5.81 7.65
CA CYS A 37 -1.07 -5.04 8.58
C CYS A 37 -1.87 -6.08 9.35
N LYS A 38 -2.12 -5.73 10.62
CA LYS A 38 -2.81 -6.65 11.48
C LYS A 38 -4.19 -6.88 10.92
N LYS A 39 -4.60 -8.16 10.91
CA LYS A 39 -5.96 -8.59 10.58
C LYS A 39 -7.02 -7.66 11.24
N GLY A 40 -7.96 -7.18 10.42
CA GLY A 40 -8.96 -6.14 10.80
C GLY A 40 -8.53 -4.68 10.53
N SER A 41 -7.58 -4.45 9.59
CA SER A 41 -6.89 -3.13 9.40
C SER A 41 -7.38 -2.22 8.30
N GLY A 42 -7.33 -0.88 8.59
CA GLY A 42 -7.96 0.29 7.82
C GLY A 42 -9.49 0.20 7.99
N TYR B 1 13.69 17.74 7.13
CA TYR B 1 14.52 16.55 7.04
C TYR B 1 15.33 16.51 5.76
N LYS B 2 16.64 16.68 5.91
CA LYS B 2 17.60 16.78 4.86
C LYS B 2 17.48 15.69 3.83
N GLN B 3 17.41 14.44 4.23
CA GLN B 3 17.50 13.35 3.22
C GLN B 3 16.18 13.25 2.47
N CYS B 4 15.05 13.39 3.17
CA CYS B 4 13.78 13.35 2.49
C CYS B 4 13.73 14.51 1.49
N HIS B 5 14.12 15.68 1.91
CA HIS B 5 14.16 16.89 1.00
C HIS B 5 15.10 16.64 -0.16
N LYS B 6 16.24 16.00 0.07
CA LYS B 6 17.12 15.67 -1.02
C LYS B 6 16.52 14.78 -2.09
N LYS B 7 15.60 13.95 -1.70
CA LYS B 7 14.90 13.02 -2.65
C LYS B 7 13.72 13.76 -3.35
N GLY B 8 13.50 15.04 -2.99
CA GLY B 8 12.40 15.84 -3.54
C GLY B 8 11.12 15.55 -2.81
N GLY B 9 11.18 15.05 -1.53
CA GLY B 9 10.00 14.65 -0.88
C GLY B 9 9.66 15.47 0.33
N HIS B 10 8.58 15.13 1.04
CA HIS B 10 8.25 15.78 2.32
C HIS B 10 7.76 14.63 3.17
N CYS B 11 7.67 14.93 4.47
CA CYS B 11 7.22 13.90 5.43
C CYS B 11 5.70 13.93 5.63
N PHE B 12 5.08 12.76 5.69
CA PHE B 12 3.61 12.61 5.91
C PHE B 12 3.41 11.44 6.92
N PRO B 13 2.23 11.39 7.52
CA PRO B 13 1.91 10.22 8.39
C PRO B 13 2.09 8.96 7.60
N LYS B 14 2.55 7.90 8.25
CA LYS B 14 2.87 6.70 7.48
C LYS B 14 1.70 6.06 6.69
N GLU B 15 0.43 6.32 7.02
CA GLU B 15 -0.71 5.67 6.29
C GLU B 15 -1.18 6.62 5.18
N LYS B 16 -0.58 7.78 5.00
CA LYS B 16 -1.01 8.66 3.91
C LYS B 16 -0.68 8.02 2.58
N ILE B 17 -1.65 7.94 1.68
CA ILE B 17 -1.42 7.27 0.37
C ILE B 17 -0.52 8.20 -0.44
N CYS B 18 0.55 7.65 -0.96
CA CYS B 18 1.45 8.42 -1.95
C CYS B 18 1.41 7.66 -3.26
N LEU B 19 0.99 8.29 -4.36
CA LEU B 19 0.87 7.61 -5.64
C LEU B 19 1.79 8.38 -6.59
N PRO B 20 2.56 7.68 -7.41
CA PRO B 20 2.57 6.19 -7.51
C PRO B 20 3.39 5.64 -6.28
N PRO B 21 3.25 4.33 -5.97
CA PRO B 21 3.94 3.76 -4.76
C PRO B 21 5.46 3.93 -4.84
N SER B 22 5.99 4.05 -6.09
CA SER B 22 7.39 4.36 -6.22
C SER B 22 7.79 5.72 -5.61
N SER B 23 6.85 6.65 -5.42
CA SER B 23 7.26 7.99 -4.89
C SER B 23 7.25 7.92 -3.34
N ASP B 24 6.84 6.76 -2.81
CA ASP B 24 6.84 6.61 -1.33
C ASP B 24 8.20 6.01 -0.98
N PHE B 25 9.08 6.81 -0.32
CA PHE B 25 10.49 6.42 -0.07
C PHE B 25 10.65 5.79 1.32
N GLY B 26 9.59 5.46 2.02
CA GLY B 26 9.75 4.92 3.31
C GLY B 26 10.09 5.94 4.37
N LYS B 27 10.58 5.49 5.50
CA LYS B 27 10.79 6.46 6.61
C LYS B 27 11.83 7.59 6.30
N MET B 28 12.89 7.26 5.48
CA MET B 28 13.97 8.20 5.25
C MET B 28 14.43 8.77 6.62
N ASP B 29 14.56 10.10 6.75
CA ASP B 29 14.89 10.74 8.00
C ASP B 29 13.70 11.53 8.53
N CYS B 30 12.49 11.10 8.16
CA CYS B 30 11.24 11.62 8.79
C CYS B 30 11.14 11.04 10.21
N ARG B 31 10.30 11.59 11.03
CA ARG B 31 10.16 11.14 12.37
C ARG B 31 9.47 9.80 12.45
N TRP B 32 9.56 9.18 13.60
CA TRP B 32 8.81 8.01 13.92
C TRP B 32 7.35 8.21 13.67
N ARG B 33 6.74 7.29 12.96
CA ARG B 33 5.23 7.35 12.54
C ARG B 33 5.02 8.35 11.39
N TRP B 34 6.02 8.54 10.55
CA TRP B 34 5.93 9.32 9.31
C TRP B 34 6.81 8.69 8.30
N LYS B 35 6.58 9.11 7.04
CA LYS B 35 7.31 8.58 5.91
C LYS B 35 7.53 9.71 4.88
N CYS B 36 8.39 9.45 3.94
CA CYS B 36 8.82 10.49 3.00
C CYS B 36 8.19 10.19 1.59
N CYS B 37 7.37 11.13 1.06
CA CYS B 37 6.86 10.91 -0.32
C CYS B 37 7.20 12.06 -1.21
N LYS B 38 7.61 11.70 -2.44
CA LYS B 38 8.04 12.66 -3.48
C LYS B 38 6.97 13.60 -3.81
N LYS B 39 7.32 14.87 -3.92
CA LYS B 39 6.31 15.82 -4.35
C LYS B 39 5.66 15.45 -5.70
N GLY B 40 4.34 15.68 -5.81
CA GLY B 40 3.61 15.30 -6.98
C GLY B 40 2.67 14.18 -6.61
N SER B 41 2.98 13.48 -5.50
CA SER B 41 2.27 12.21 -5.06
C SER B 41 1.01 12.36 -4.12
N GLY B 42 0.28 11.27 -3.95
CA GLY B 42 -1.05 11.60 -3.53
C GLY B 42 -1.97 10.61 -2.93
N TYR C 1 -11.67 -4.93 0.36
CA TYR C 1 -13.07 -4.60 0.39
C TYR C 1 -13.86 -5.80 -0.09
N LYS C 2 -15.06 -5.99 0.46
CA LYS C 2 -15.85 -7.18 0.32
C LYS C 2 -16.04 -7.70 -1.18
N GLN C 3 -16.60 -6.88 -2.07
CA GLN C 3 -16.87 -7.30 -3.53
C GLN C 3 -15.60 -7.66 -4.27
N CYS C 4 -14.58 -6.77 -4.21
CA CYS C 4 -13.24 -7.10 -4.71
C CYS C 4 -12.72 -8.44 -4.22
N HIS C 5 -12.72 -8.62 -2.91
CA HIS C 5 -12.17 -9.84 -2.35
C HIS C 5 -13.01 -11.03 -2.82
N LYS C 6 -14.33 -10.89 -2.75
CA LYS C 6 -15.22 -11.91 -3.32
C LYS C 6 -14.83 -12.33 -4.75
N LYS C 7 -14.42 -11.39 -5.56
CA LYS C 7 -14.15 -11.70 -6.96
C LYS C 7 -12.76 -12.31 -7.14
N GLY C 8 -12.07 -12.53 -6.02
CA GLY C 8 -10.72 -13.08 -6.00
C GLY C 8 -9.60 -12.04 -6.27
N GLY C 9 -9.89 -10.75 -6.01
CA GLY C 9 -8.96 -9.69 -6.33
C GLY C 9 -8.41 -9.00 -5.08
N HIS C 10 -7.45 -8.06 -5.28
CA HIS C 10 -7.03 -7.09 -4.29
C HIS C 10 -7.24 -5.72 -4.87
N CYS C 11 -7.36 -4.73 -4.03
CA CYS C 11 -7.43 -3.34 -4.46
C CYS C 11 -6.07 -2.74 -4.59
N PHE C 12 -5.80 -2.12 -5.76
CA PHE C 12 -4.53 -1.50 -5.99
C PHE C 12 -4.76 -0.06 -6.47
N PRO C 13 -3.74 0.81 -6.38
CA PRO C 13 -3.96 2.21 -6.90
C PRO C 13 -4.30 2.13 -8.44
N LYS C 14 -5.05 3.11 -8.92
CA LYS C 14 -5.59 3.23 -10.27
C LYS C 14 -4.56 3.03 -11.36
N GLU C 15 -3.34 3.44 -11.14
CA GLU C 15 -2.30 3.25 -12.29
C GLU C 15 -1.43 2.00 -12.18
N LYS C 16 -1.74 1.08 -11.29
N LYS C 16 -1.75 1.09 -11.29
CA LYS C 16 -1.09 -0.18 -11.22
CA LYS C 16 -1.10 -0.17 -11.24
C LYS C 16 -1.38 -1.02 -12.46
C LYS C 16 -1.38 -1.00 -12.47
N ILE C 17 -0.35 -1.54 -13.08
CA ILE C 17 -0.60 -2.36 -14.24
C ILE C 17 -1.15 -3.71 -13.88
N CYS C 18 -2.33 -4.05 -14.35
CA CYS C 18 -2.91 -5.36 -14.13
C CYS C 18 -3.14 -6.07 -15.46
N LEU C 19 -2.36 -7.13 -15.77
CA LEU C 19 -2.55 -7.78 -17.07
C LEU C 19 -2.83 -9.27 -16.88
N PRO C 20 -3.78 -9.84 -17.55
CA PRO C 20 -4.45 -9.19 -18.66
C PRO C 20 -5.66 -8.38 -18.24
N PRO C 21 -6.01 -7.41 -19.07
CA PRO C 21 -7.03 -6.48 -18.67
C PRO C 21 -8.32 -7.12 -18.19
N SER C 22 -8.52 -8.39 -18.49
CA SER C 22 -9.72 -9.10 -18.07
C SER C 22 -9.64 -9.36 -16.59
N SER C 23 -8.41 -9.37 -16.04
CA SER C 23 -8.24 -9.57 -14.54
C SER C 23 -8.24 -8.19 -13.80
N ASP C 24 -8.47 -7.10 -14.53
CA ASP C 24 -8.65 -5.76 -14.00
C ASP C 24 -10.13 -5.51 -13.97
N PHE C 25 -10.71 -5.54 -12.79
CA PHE C 25 -12.17 -5.55 -12.68
C PHE C 25 -12.70 -4.17 -12.48
N GLY C 26 -11.84 -3.15 -12.71
CA GLY C 26 -12.21 -1.75 -12.51
C GLY C 26 -12.44 -1.47 -11.04
N LYS C 27 -13.20 -0.41 -10.72
CA LYS C 27 -13.17 0.08 -9.31
C LYS C 27 -13.79 -0.93 -8.31
N MET C 28 -14.83 -1.67 -8.70
CA MET C 28 -15.60 -2.52 -7.73
C MET C 28 -15.87 -1.70 -6.48
N ASP C 29 -15.58 -2.21 -5.29
CA ASP C 29 -15.81 -1.38 -4.09
C ASP C 29 -14.52 -0.99 -3.42
N CYS C 30 -13.49 -0.80 -4.24
CA CYS C 30 -12.22 -0.30 -3.80
C CYS C 30 -12.45 1.18 -3.59
N ARG C 31 -11.51 1.78 -2.88
CA ARG C 31 -11.54 3.15 -2.56
C ARG C 31 -11.44 4.01 -3.88
N TRP C 32 -11.91 5.26 -3.81
CA TRP C 32 -11.62 6.25 -4.83
C TRP C 32 -10.18 6.19 -5.26
N ARG C 33 -9.96 6.09 -6.60
CA ARG C 33 -8.68 6.10 -7.25
C ARG C 33 -7.96 4.76 -7.16
N TRP C 34 -8.70 3.73 -6.73
CA TRP C 34 -8.19 2.32 -6.68
C TRP C 34 -9.05 1.45 -7.51
N LYS C 35 -8.54 0.29 -7.80
CA LYS C 35 -9.22 -0.67 -8.66
C LYS C 35 -8.94 -2.07 -8.17
N CYS C 36 -9.77 -2.99 -8.60
CA CYS C 36 -9.70 -4.37 -8.19
C CYS C 36 -9.03 -5.23 -9.26
N CYS C 37 -7.88 -5.81 -8.97
CA CYS C 37 -7.22 -6.76 -9.89
C CYS C 37 -7.15 -8.16 -9.24
N LYS C 38 -7.39 -9.16 -10.09
CA LYS C 38 -7.39 -10.54 -9.70
C LYS C 38 -6.02 -11.00 -9.23
N LYS C 39 -6.00 -11.84 -8.18
CA LYS C 39 -4.78 -12.51 -7.63
C LYS C 39 -4.01 -13.05 -8.82
N GLY C 40 -2.75 -12.68 -8.96
CA GLY C 40 -1.96 -13.18 -10.07
C GLY C 40 -1.43 -12.07 -10.93
N SER C 41 -2.27 -11.08 -11.22
CA SER C 41 -1.76 -9.81 -11.77
C SER C 41 -1.17 -8.94 -10.63
N GLY C 42 -1.41 -9.33 -9.39
CA GLY C 42 -0.73 -8.81 -8.24
C GLY C 42 -0.98 -9.74 -7.09
#